data_7P9W
#
_entry.id   7P9W
#
_cell.length_a   62.772
_cell.length_b   62.772
_cell.length_c   92.592
_cell.angle_alpha   90.000
_cell.angle_beta   90.000
_cell.angle_gamma   120.000
#
_symmetry.space_group_name_H-M   'P 32 2 1'
#
loop_
_entity.id
_entity.type
_entity.pdbx_description
1 polymer 'Apoptosis regulator BHRF1'
2 polymer 'Bcl-2-binding component 3, isoforms 1/2'
3 non-polymer 'PHOSPHATE ION'
4 non-polymer 1,2-ETHANEDIOL
5 non-polymer 'AMMONIUM ION'
6 non-polymer 1,3-PROPANDIOL
7 non-polymer 'MAGNESIUM ION'
8 non-polymer 'CHLORIDE ION'
9 water water
#
loop_
_entity_poly.entity_id
_entity_poly.type
_entity_poly.pdbx_seq_one_letter_code
_entity_poly.pdbx_strand_id
1 'polypeptide(L)'
;MGSHHHHHHSQDPMAYSTREILLALCIRDSRVHGNGTLHPVLELAARETPLRLSPEDTVVLRYHVLLEEIIERNSETFTE
TWNRFITHTEHVDLDFNSVFLEIFHRGDPSLGRALAWMAWCMHACRTLCCNQSTPYYVVDLSVRGMLEASEGLDGWIHQQ
GGWSTLIEDNIPG
;
A
2 'polypeptide(L)' EEQWAREIGAQLRRMADDLNAQYERR B
#
loop_
_chem_comp.id
_chem_comp.type
_chem_comp.name
_chem_comp.formula
CL non-polymer 'CHLORIDE ION' 'Cl -1'
EDO non-polymer 1,2-ETHANEDIOL 'C2 H6 O2'
MG non-polymer 'MAGNESIUM ION' 'Mg 2'
NH4 non-polymer 'AMMONIUM ION' 'H4 N 1'
PDO non-polymer 1,3-PROPANDIOL 'C3 H8 O2'
PO4 non-polymer 'PHOSPHATE ION' 'O4 P -3'
#
# COMPACT_ATOMS: atom_id res chain seq x y z
N ALA A 15 -10.00 -14.01 -7.58
CA ALA A 15 -9.04 -13.89 -8.67
C ALA A 15 -8.58 -12.45 -8.85
N TYR A 16 -8.80 -11.63 -7.81
CA TYR A 16 -8.39 -10.23 -7.86
C TYR A 16 -6.89 -10.10 -7.68
N SER A 17 -6.30 -9.15 -8.39
CA SER A 17 -4.86 -8.93 -8.31
C SER A 17 -4.53 -8.03 -7.13
N THR A 18 -3.25 -8.07 -6.74
CA THR A 18 -2.78 -7.17 -5.68
C THR A 18 -3.03 -5.71 -6.05
N ARG A 19 -2.78 -5.37 -7.32
CA ARG A 19 -3.05 -4.02 -7.79
C ARG A 19 -4.50 -3.62 -7.56
N GLU A 20 -5.43 -4.54 -7.81
CA GLU A 20 -6.84 -4.23 -7.63
C GLU A 20 -7.19 -4.03 -6.15
N ILE A 21 -6.69 -4.91 -5.28
CA ILE A 21 -7.08 -4.84 -3.88
C ILE A 21 -6.42 -3.64 -3.20
N LEU A 22 -5.18 -3.32 -3.58
CA LEU A 22 -4.53 -2.15 -3.01
C LEU A 22 -5.21 -0.86 -3.47
N LEU A 23 -5.57 -0.80 -4.75
CA LEU A 23 -6.29 0.37 -5.25
C LEU A 23 -7.64 0.51 -4.57
N ALA A 24 -8.37 -0.60 -4.43
CA ALA A 24 -9.67 -0.55 -3.75
C ALA A 24 -9.49 -0.10 -2.30
N LEU A 25 -8.44 -0.56 -1.64
CA LEU A 25 -8.17 -0.13 -0.27
C LEU A 25 -7.88 1.36 -0.21
N CYS A 26 -7.09 1.88 -1.16
CA CYS A 26 -6.79 3.30 -1.18
C CYS A 26 -8.04 4.12 -1.47
N ILE A 27 -8.91 3.62 -2.36
CA ILE A 27 -10.17 4.30 -2.64
C ILE A 27 -11.04 4.32 -1.39
N ARG A 28 -11.23 3.16 -0.78
CA ARG A 28 -12.00 3.09 0.46
C ARG A 28 -11.45 4.03 1.51
N ASP A 29 -10.13 4.05 1.68
CA ASP A 29 -9.50 4.90 2.68
C ASP A 29 -9.81 6.36 2.42
N SER A 30 -9.80 6.78 1.15
CA SER A 30 -10.14 8.16 0.82
C SER A 30 -11.61 8.45 1.13
N ARG A 31 -12.50 7.49 0.86
CA ARG A 31 -13.92 7.71 1.11
C ARG A 31 -14.21 7.96 2.58
N VAL A 32 -13.37 7.45 3.48
CA VAL A 32 -13.57 7.60 4.91
C VAL A 32 -12.60 8.60 5.51
N HIS A 33 -11.95 9.42 4.70
CA HIS A 33 -11.04 10.45 5.17
C HIS A 33 -11.28 11.74 4.40
N GLY A 34 -11.13 12.86 5.09
CA GLY A 34 -11.34 14.14 4.47
C GLY A 34 -12.78 14.32 4.02
N ASN A 35 -12.95 14.94 2.85
CA ASN A 35 -14.27 15.19 2.29
C ASN A 35 -14.82 14.01 1.50
N GLY A 36 -14.14 12.86 1.53
CA GLY A 36 -14.59 11.67 0.83
C GLY A 36 -14.37 11.69 -0.67
N THR A 37 -13.89 12.80 -1.23
CA THR A 37 -13.66 12.87 -2.66
C THR A 37 -12.41 12.06 -3.04
N LEU A 38 -12.40 11.56 -4.27
CA LEU A 38 -11.28 10.78 -4.78
C LEU A 38 -10.35 11.68 -5.58
N HIS A 39 -9.06 11.53 -5.33
CA HIS A 39 -8.07 12.25 -6.11
C HIS A 39 -8.15 11.79 -7.57
N PRO A 40 -8.02 12.70 -8.53
CA PRO A 40 -8.07 12.28 -9.94
C PRO A 40 -7.17 11.10 -10.26
N VAL A 41 -6.05 10.97 -9.57
CA VAL A 41 -5.13 9.86 -9.82
C VAL A 41 -5.80 8.53 -9.54
N LEU A 42 -6.54 8.44 -8.44
CA LEU A 42 -7.23 7.19 -8.11
C LEU A 42 -8.34 6.90 -9.12
N GLU A 43 -9.00 7.93 -9.65
CA GLU A 43 -9.96 7.73 -10.72
C GLU A 43 -9.27 7.15 -11.95
N LEU A 44 -8.11 7.71 -12.32
CA LEU A 44 -7.36 7.20 -13.47
C LEU A 44 -6.95 5.76 -13.25
N ALA A 45 -6.33 5.46 -12.11
CA ALA A 45 -5.86 4.11 -11.84
C ALA A 45 -7.01 3.11 -11.95
N ALA A 46 -8.21 3.50 -11.49
CA ALA A 46 -9.36 2.61 -11.60
C ALA A 46 -9.77 2.40 -13.06
N ARG A 47 -9.59 3.42 -13.90
CA ARG A 47 -9.90 3.29 -15.32
C ARG A 47 -8.86 2.44 -16.04
N GLU A 48 -7.58 2.75 -15.83
CA GLU A 48 -6.52 2.05 -16.55
C GLU A 48 -6.35 0.63 -15.99
N THR A 49 -6.21 0.50 -14.68
CA THR A 49 -6.37 -0.80 -14.06
C THR A 49 -7.82 -1.24 -14.27
N PRO A 50 -8.07 -2.39 -14.90
CA PRO A 50 -9.45 -2.86 -14.99
C PRO A 50 -9.98 -3.23 -13.62
N LEU A 51 -10.33 -2.21 -12.83
CA LEU A 51 -10.71 -2.42 -11.43
C LEU A 51 -12.08 -3.07 -11.36
N ARG A 52 -12.12 -4.34 -10.96
CA ARG A 52 -13.36 -5.07 -10.80
C ARG A 52 -13.83 -5.17 -9.36
N LEU A 53 -12.97 -4.84 -8.40
CA LEU A 53 -13.28 -5.01 -6.99
C LEU A 53 -13.85 -3.73 -6.41
N SER A 54 -15.01 -3.84 -5.77
CA SER A 54 -15.65 -2.69 -5.16
C SER A 54 -14.91 -2.30 -3.88
N PRO A 55 -14.68 -1.01 -3.65
CA PRO A 55 -14.06 -0.60 -2.37
C PRO A 55 -14.94 -0.88 -1.17
N GLU A 56 -16.24 -1.10 -1.37
CA GLU A 56 -17.15 -1.46 -0.29
C GLU A 56 -17.30 -2.96 -0.12
N ASP A 57 -16.58 -3.76 -0.91
CA ASP A 57 -16.64 -5.21 -0.77
C ASP A 57 -16.12 -5.61 0.61
N THR A 58 -16.72 -6.66 1.17
CA THR A 58 -16.35 -7.08 2.52
C THR A 58 -14.87 -7.43 2.61
N VAL A 59 -14.30 -8.01 1.55
CA VAL A 59 -12.88 -8.31 1.55
C VAL A 59 -12.07 -7.03 1.69
N VAL A 60 -12.51 -5.96 1.04
CA VAL A 60 -11.80 -4.68 1.14
C VAL A 60 -11.99 -4.10 2.54
N LEU A 61 -13.22 -4.09 3.04
CA LEU A 61 -13.49 -3.55 4.37
C LEU A 61 -12.72 -4.34 5.43
N ARG A 62 -12.65 -5.66 5.29
CA ARG A 62 -11.95 -6.47 6.27
C ARG A 62 -10.45 -6.24 6.24
N TYR A 63 -9.87 -6.15 5.04
CA TYR A 63 -8.45 -5.84 4.94
C TYR A 63 -8.15 -4.42 5.42
N HIS A 64 -9.07 -3.49 5.22
CA HIS A 64 -8.82 -2.10 5.61
C HIS A 64 -8.59 -1.99 7.12
N VAL A 65 -9.32 -2.77 7.91
CA VAL A 65 -9.14 -2.74 9.35
C VAL A 65 -7.76 -3.26 9.73
N LEU A 66 -7.35 -4.38 9.14
CA LEU A 66 -6.03 -4.93 9.43
C LEU A 66 -4.93 -3.90 9.15
N LEU A 67 -5.02 -3.24 8.00
CA LEU A 67 -3.99 -2.26 7.65
C LEU A 67 -4.06 -1.04 8.55
N GLU A 68 -5.27 -0.57 8.87
CA GLU A 68 -5.40 0.56 9.78
C GLU A 68 -4.82 0.22 11.14
N GLU A 69 -5.00 -1.02 11.60
CA GLU A 69 -4.41 -1.43 12.87
C GLU A 69 -2.89 -1.42 12.79
N ILE A 70 -2.32 -1.87 11.67
CA ILE A 70 -0.88 -1.82 11.48
C ILE A 70 -0.40 -0.37 11.48
N ILE A 71 -1.11 0.50 10.78
CA ILE A 71 -0.71 1.90 10.71
C ILE A 71 -0.68 2.52 12.10
N GLU A 72 -1.78 2.38 12.84
CA GLU A 72 -1.86 3.02 14.16
C GLU A 72 -0.80 2.47 15.10
N ARG A 73 -0.61 1.14 15.11
CA ARG A 73 0.40 0.55 15.97
C ARG A 73 1.79 1.08 15.66
N ASN A 74 2.05 1.45 14.41
CA ASN A 74 3.34 1.95 13.97
C ASN A 74 3.20 3.34 13.35
N SER A 75 2.38 4.18 13.99
CA SER A 75 2.05 5.48 13.40
C SER A 75 3.30 6.31 13.13
N GLU A 76 4.19 6.40 14.11
CA GLU A 76 5.35 7.27 13.96
C GLU A 76 6.32 6.73 12.91
N THR A 77 6.60 5.43 12.97
CA THR A 77 7.52 4.84 12.00
C THR A 77 7.02 5.03 10.58
N PHE A 78 5.71 4.83 10.35
CA PHE A 78 5.15 5.06 9.02
C PHE A 78 5.29 6.52 8.61
N THR A 79 5.06 7.44 9.54
CA THR A 79 5.24 8.86 9.23
C THR A 79 6.71 9.15 8.89
N GLU A 80 7.63 8.66 9.73
CA GLU A 80 9.05 8.91 9.50
C GLU A 80 9.50 8.32 8.17
N THR A 81 9.21 7.03 7.94
CA THR A 81 9.68 6.36 6.74
C THR A 81 9.16 7.06 5.49
N TRP A 82 7.88 7.45 5.49
CA TRP A 82 7.33 8.10 4.30
C TRP A 82 7.97 9.46 4.07
N ASN A 83 8.07 10.28 5.13
CA ASN A 83 8.65 11.61 4.95
C ASN A 83 10.10 11.52 4.49
N ARG A 84 10.85 10.53 4.99
CA ARG A 84 12.21 10.34 4.50
C ARG A 84 12.20 9.90 3.04
N PHE A 85 11.25 9.04 2.67
CA PHE A 85 11.13 8.57 1.29
C PHE A 85 10.85 9.74 0.34
N ILE A 86 9.77 10.47 0.60
CA ILE A 86 9.27 11.44 -0.38
C ILE A 86 10.16 12.67 -0.49
N THR A 87 10.97 12.96 0.52
CA THR A 87 11.83 14.14 0.50
C THR A 87 13.19 13.89 -0.12
N HIS A 88 13.60 12.62 -0.26
CA HIS A 88 14.89 12.28 -0.82
C HIS A 88 14.82 11.68 -2.22
N THR A 89 13.62 11.36 -2.70
CA THR A 89 13.48 10.71 -4.00
C THR A 89 13.54 11.72 -5.14
N GLU A 90 14.19 11.32 -6.23
CA GLU A 90 14.19 12.10 -7.47
C GLU A 90 13.38 11.41 -8.56
N HIS A 91 12.87 10.21 -8.29
CA HIS A 91 12.10 9.44 -9.27
C HIS A 91 11.12 8.57 -8.47
N VAL A 92 9.96 9.16 -8.17
CA VAL A 92 9.05 8.58 -7.18
C VAL A 92 8.68 7.15 -7.54
N ASP A 93 8.19 6.93 -8.75
CA ASP A 93 7.60 5.64 -9.08
C ASP A 93 8.66 4.53 -9.12
N LEU A 94 9.87 4.84 -9.61
CA LEU A 94 10.91 3.83 -9.65
C LEU A 94 11.37 3.44 -8.25
N ASP A 95 11.44 4.42 -7.34
CA ASP A 95 11.94 4.15 -6.01
C ASP A 95 10.96 3.28 -5.21
N PHE A 96 9.66 3.36 -5.52
CA PHE A 96 8.71 2.43 -4.91
C PHE A 96 9.10 0.99 -5.20
N ASN A 97 9.55 0.71 -6.43
CA ASN A 97 10.00 -0.64 -6.76
C ASN A 97 11.21 -1.04 -5.92
N SER A 98 12.16 -0.11 -5.75
CA SER A 98 13.37 -0.42 -5.00
C SER A 98 13.03 -0.84 -3.57
N VAL A 99 12.15 -0.09 -2.91
CA VAL A 99 11.73 -0.46 -1.56
C VAL A 99 11.07 -1.83 -1.56
N PHE A 100 10.20 -2.08 -2.55
CA PHE A 100 9.50 -3.35 -2.62
C PHE A 100 10.49 -4.52 -2.69
N LEU A 101 11.49 -4.40 -3.57
CA LEU A 101 12.45 -5.49 -3.73
C LEU A 101 13.28 -5.71 -2.46
N GLU A 102 13.59 -4.63 -1.74
CA GLU A 102 14.36 -4.78 -0.49
C GLU A 102 13.56 -5.50 0.57
N ILE A 103 12.27 -5.18 0.70
CA ILE A 103 11.42 -5.86 1.67
C ILE A 103 11.35 -7.35 1.35
N PHE A 104 11.00 -7.67 0.11
CA PHE A 104 10.81 -9.07 -0.29
C PHE A 104 12.08 -9.61 -0.95
N HIS A 105 13.17 -9.54 -0.18
CA HIS A 105 14.39 -10.26 -0.54
C HIS A 105 14.07 -11.67 -1.03
N ARG A 106 13.07 -12.31 -0.43
CA ARG A 106 12.70 -13.67 -0.80
C ARG A 106 13.82 -14.64 -0.45
N PRO A 109 8.40 -15.02 1.46
CA PRO A 109 7.44 -14.00 1.90
C PRO A 109 6.49 -14.50 2.99
N SER A 110 5.99 -13.58 3.80
CA SER A 110 5.07 -13.91 4.88
C SER A 110 3.87 -12.97 4.81
N LEU A 111 2.75 -13.42 5.39
CA LEU A 111 1.55 -12.60 5.43
C LEU A 111 1.85 -11.25 6.08
N GLY A 112 2.67 -11.26 7.14
CA GLY A 112 2.98 -10.01 7.83
C GLY A 112 3.67 -9.01 6.92
N ARG A 113 4.63 -9.48 6.11
CA ARG A 113 5.35 -8.58 5.23
C ARG A 113 4.45 -8.03 4.14
N ALA A 114 3.60 -8.88 3.56
CA ALA A 114 2.63 -8.39 2.59
C ALA A 114 1.77 -7.28 3.20
N LEU A 115 1.17 -7.54 4.36
CA LEU A 115 0.30 -6.54 4.98
C LEU A 115 1.09 -5.30 5.38
N ALA A 116 2.31 -5.48 5.88
CA ALA A 116 3.12 -4.33 6.26
C ALA A 116 3.36 -3.41 5.07
N TRP A 117 3.65 -4.00 3.91
CA TRP A 117 3.85 -3.20 2.70
C TRP A 117 2.56 -2.53 2.25
N MET A 118 1.46 -3.28 2.26
CA MET A 118 0.19 -2.73 1.82
C MET A 118 -0.26 -1.59 2.73
N ALA A 119 -0.09 -1.75 4.05
CA ALA A 119 -0.45 -0.68 4.97
C ALA A 119 0.40 0.55 4.74
N TRP A 120 1.71 0.36 4.51
CA TRP A 120 2.58 1.50 4.24
C TRP A 120 2.16 2.22 2.97
N CYS A 121 1.75 1.47 1.94
CA CYS A 121 1.29 2.10 0.71
C CYS A 121 -0.02 2.84 0.93
N MET A 122 -0.97 2.22 1.63
CA MET A 122 -2.22 2.91 1.92
C MET A 122 -1.97 4.17 2.73
N HIS A 123 -1.07 4.10 3.71
CA HIS A 123 -0.74 5.29 4.50
C HIS A 123 -0.15 6.38 3.62
N ALA A 124 0.74 6.02 2.71
CA ALA A 124 1.33 7.01 1.81
C ALA A 124 0.26 7.69 0.97
N CYS A 125 -0.64 6.89 0.38
CA CYS A 125 -1.70 7.47 -0.44
C CYS A 125 -2.58 8.40 0.39
N ARG A 126 -2.89 8.01 1.62
CA ARG A 126 -3.70 8.86 2.50
C ARG A 126 -3.01 10.19 2.74
N THR A 127 -1.73 10.17 3.11
CA THR A 127 -1.00 11.41 3.38
C THR A 127 -0.97 12.29 2.15
N LEU A 128 -0.75 11.69 0.97
CA LEU A 128 -0.66 12.47 -0.26
C LEU A 128 -1.98 13.12 -0.61
N CYS A 129 -3.09 12.40 -0.44
CA CYS A 129 -4.40 12.91 -0.83
C CYS A 129 -5.02 13.81 0.24
N CYS A 130 -4.60 13.70 1.50
CA CYS A 130 -5.14 14.56 2.54
C CYS A 130 -4.52 15.95 2.53
N ASN A 131 -3.27 16.07 2.11
CA ASN A 131 -2.58 17.35 2.06
C ASN A 131 -2.88 18.02 0.73
N GLN A 132 -3.71 19.07 0.75
CA GLN A 132 -4.14 19.73 -0.48
C GLN A 132 -3.02 20.51 -1.15
N SER A 133 -1.86 20.65 -0.52
CA SER A 133 -0.73 21.34 -1.12
C SER A 133 0.19 20.42 -1.90
N THR A 134 0.00 19.11 -1.82
CA THR A 134 0.87 18.19 -2.54
C THR A 134 0.69 18.38 -4.05
N PRO A 135 1.77 18.53 -4.82
CA PRO A 135 1.61 18.66 -6.27
C PRO A 135 0.94 17.43 -6.88
N TYR A 136 0.24 17.65 -7.99
CA TYR A 136 -0.46 16.56 -8.67
C TYR A 136 0.50 15.44 -9.06
N TYR A 137 1.66 15.79 -9.62
CA TYR A 137 2.56 14.76 -10.15
C TYR A 137 3.11 13.89 -9.03
N VAL A 138 3.29 14.43 -7.84
CA VAL A 138 3.77 13.64 -6.71
C VAL A 138 2.73 12.60 -6.32
N VAL A 139 1.46 13.00 -6.25
CA VAL A 139 0.39 12.04 -5.97
C VAL A 139 0.30 11.04 -7.11
N ASP A 140 0.41 11.52 -8.35
CA ASP A 140 0.24 10.66 -9.51
C ASP A 140 1.28 9.55 -9.54
N LEU A 141 2.57 9.93 -9.48
CA LEU A 141 3.63 8.94 -9.61
C LEU A 141 3.73 8.04 -8.39
N SER A 142 3.33 8.54 -7.21
CA SER A 142 3.35 7.69 -6.01
C SER A 142 2.33 6.57 -6.14
N VAL A 143 1.08 6.90 -6.49
CA VAL A 143 0.04 5.88 -6.63
C VAL A 143 0.43 4.89 -7.72
N ARG A 144 0.85 5.40 -8.88
CA ARG A 144 1.31 4.52 -9.95
C ARG A 144 2.45 3.62 -9.45
N GLY A 145 3.40 4.18 -8.72
CA GLY A 145 4.55 3.40 -8.28
C GLY A 145 4.16 2.29 -7.34
N MET A 146 3.32 2.59 -6.35
CA MET A 146 2.94 1.57 -5.37
C MET A 146 2.10 0.48 -6.01
N LEU A 147 1.21 0.84 -6.94
CA LEU A 147 0.38 -0.16 -7.60
C LEU A 147 1.21 -1.05 -8.53
N GLU A 148 2.13 -0.45 -9.29
CA GLU A 148 2.95 -1.24 -10.20
C GLU A 148 3.93 -2.13 -9.44
N ALA A 149 4.55 -1.59 -8.39
CA ALA A 149 5.45 -2.40 -7.57
C ALA A 149 4.72 -3.56 -6.92
N SER A 150 3.49 -3.32 -6.42
CA SER A 150 2.76 -4.35 -5.71
C SER A 150 2.43 -5.56 -6.59
N GLU A 151 2.53 -5.41 -7.91
CA GLU A 151 2.26 -6.54 -8.80
C GLU A 151 3.19 -7.72 -8.52
N GLY A 152 4.33 -7.47 -7.88
CA GLY A 152 5.26 -8.55 -7.57
C GLY A 152 4.75 -9.55 -6.55
N LEU A 153 3.59 -9.29 -5.93
CA LEU A 153 3.01 -10.21 -4.96
C LEU A 153 2.01 -11.16 -5.57
N ASP A 154 1.61 -10.96 -6.83
CA ASP A 154 0.58 -11.80 -7.43
C ASP A 154 0.97 -13.27 -7.41
N GLY A 155 2.22 -13.57 -7.73
CA GLY A 155 2.65 -14.96 -7.75
C GLY A 155 2.51 -15.63 -6.39
N TRP A 156 2.97 -14.97 -5.34
CA TRP A 156 2.88 -15.55 -3.99
C TRP A 156 1.43 -15.64 -3.54
N ILE A 157 0.67 -14.55 -3.69
CA ILE A 157 -0.74 -14.56 -3.29
C ILE A 157 -1.48 -15.70 -3.98
N HIS A 158 -1.20 -15.91 -5.27
CA HIS A 158 -1.87 -16.98 -6.01
C HIS A 158 -1.66 -18.33 -5.33
N GLN A 159 -0.46 -18.58 -4.81
CA GLN A 159 -0.17 -19.84 -4.14
C GLN A 159 -0.84 -19.95 -2.78
N GLN A 160 -1.34 -18.85 -2.23
CA GLN A 160 -2.06 -18.87 -0.96
C GLN A 160 -3.57 -18.90 -1.13
N GLY A 161 -4.06 -19.00 -2.37
CA GLY A 161 -5.47 -19.06 -2.63
C GLY A 161 -6.14 -17.73 -2.90
N GLY A 162 -5.37 -16.66 -3.03
CA GLY A 162 -5.93 -15.34 -3.28
C GLY A 162 -6.12 -14.54 -2.01
N TRP A 163 -6.29 -13.23 -2.19
CA TRP A 163 -6.48 -12.34 -1.04
C TRP A 163 -7.73 -12.71 -0.25
N SER A 164 -8.80 -13.11 -0.95
CA SER A 164 -10.05 -13.44 -0.27
C SER A 164 -9.87 -14.63 0.66
N THR A 165 -9.15 -15.66 0.21
CA THR A 165 -8.93 -16.84 1.04
C THR A 165 -8.12 -16.50 2.28
N LEU A 166 -7.09 -15.67 2.13
CA LEU A 166 -6.22 -15.34 3.25
C LEU A 166 -6.99 -14.68 4.39
N ILE A 167 -7.96 -13.83 4.06
CA ILE A 167 -8.71 -13.13 5.09
C ILE A 167 -9.92 -13.94 5.57
N GLU A 168 -10.55 -14.71 4.69
CA GLU A 168 -11.75 -15.45 5.05
C GLU A 168 -11.44 -16.76 5.78
N ASP A 169 -10.23 -17.30 5.61
CA ASP A 169 -9.86 -18.57 6.21
C ASP A 169 -8.52 -18.57 6.92
N ASN A 170 -7.76 -17.48 6.86
CA ASN A 170 -6.45 -17.42 7.51
C ASN A 170 -6.27 -16.10 8.22
N GLU B 2 18.92 4.37 -2.16
CA GLU B 2 20.01 4.78 -1.29
C GLU B 2 19.71 4.38 0.16
N GLN B 3 20.39 5.03 1.11
CA GLN B 3 20.20 4.70 2.51
C GLN B 3 18.73 4.75 2.92
N TRP B 4 17.99 5.75 2.43
CA TRP B 4 16.61 5.91 2.85
C TRP B 4 15.77 4.70 2.46
N ALA B 5 15.93 4.20 1.23
CA ALA B 5 15.15 3.05 0.80
C ALA B 5 15.49 1.80 1.59
N ARG B 6 16.74 1.66 2.03
CA ARG B 6 17.14 0.48 2.78
C ARG B 6 16.60 0.52 4.21
N GLU B 7 16.60 1.70 4.83
CA GLU B 7 16.06 1.82 6.18
C GLU B 7 14.56 1.52 6.19
N ILE B 8 13.85 1.98 5.16
CA ILE B 8 12.42 1.72 5.06
C ILE B 8 12.16 0.23 4.93
N GLY B 9 12.87 -0.44 4.02
CA GLY B 9 12.69 -1.87 3.86
C GLY B 9 12.97 -2.65 5.12
N ALA B 10 13.99 -2.22 5.88
CA ALA B 10 14.30 -2.89 7.14
C ALA B 10 13.15 -2.77 8.13
N GLN B 11 12.61 -1.56 8.28
CA GLN B 11 11.54 -1.33 9.25
C GLN B 11 10.30 -2.15 8.90
N LEU B 12 9.93 -2.19 7.62
CA LEU B 12 8.71 -2.89 7.24
C LEU B 12 8.86 -4.40 7.36
N ARG B 13 10.05 -4.94 7.09
CA ARG B 13 10.28 -6.35 7.36
C ARG B 13 10.17 -6.64 8.85
N ARG B 14 10.72 -5.76 9.69
CA ARG B 14 10.61 -5.93 11.14
C ARG B 14 9.15 -5.95 11.58
N MET B 15 8.42 -4.87 11.31
CA MET B 15 7.02 -4.79 11.70
C MET B 15 6.23 -5.98 11.18
N ALA B 16 6.61 -6.52 10.02
CA ALA B 16 5.94 -7.70 9.50
C ALA B 16 6.16 -8.91 10.42
N ASP B 17 7.42 -9.18 10.78
CA ASP B 17 7.71 -10.27 11.70
C ASP B 17 6.97 -10.09 13.02
N ASP B 18 6.74 -8.85 13.43
CA ASP B 18 5.98 -8.60 14.64
C ASP B 18 4.52 -9.03 14.48
N LEU B 19 3.91 -8.72 13.33
CA LEU B 19 2.53 -9.14 13.11
C LEU B 19 2.42 -10.64 12.92
N ASN B 20 3.46 -11.27 12.35
CA ASN B 20 3.45 -12.72 12.23
C ASN B 20 3.47 -13.39 13.60
N ALA B 21 4.11 -12.76 14.58
CA ALA B 21 4.05 -13.27 15.94
C ALA B 21 2.65 -13.10 16.53
N GLN B 22 1.93 -12.07 16.11
CA GLN B 22 0.55 -11.86 16.54
C GLN B 22 0.47 -11.71 18.05
P PO4 C . -2.42 11.56 7.31
O1 PO4 C . -2.94 11.23 8.69
O2 PO4 C . -1.29 12.55 7.42
O3 PO4 C . -3.54 12.14 6.48
O4 PO4 C . -1.91 10.30 6.66
P PO4 D . -5.65 17.82 -8.54
O1 PO4 D . -6.70 18.14 -7.51
O2 PO4 D . -4.46 18.74 -8.34
O3 PO4 D . -5.21 16.39 -8.39
O4 PO4 D . -6.22 18.02 -9.92
P PO4 E . -18.56 -0.53 -6.84
O1 PO4 E . -19.61 -1.57 -6.51
O2 PO4 E . -18.29 0.32 -5.62
O3 PO4 E . -19.06 0.34 -7.97
O4 PO4 E . -17.29 -1.21 -7.30
C1 EDO F . 0.27 21.10 -8.43
O1 EDO F . -0.95 20.73 -9.08
C2 EDO F . 0.82 22.40 -9.02
O2 EDO F . 2.08 22.71 -8.40
H11 EDO F . 1.01 20.30 -8.55
H12 EDO F . 0.10 21.24 -7.35
HO1 EDO F . -1.27 19.91 -8.70
H21 EDO F . 0.11 23.21 -8.84
H22 EDO F . 0.95 22.28 -10.09
HO2 EDO F . 2.43 23.53 -8.78
C1 EDO G . -9.04 15.25 1.09
O1 EDO G . -10.04 14.26 1.30
C2 EDO G . -9.07 16.28 2.21
O2 EDO G . -8.75 15.65 3.45
H11 EDO G . -9.22 15.75 0.13
H12 EDO G . -8.05 14.78 1.05
HO1 EDO G . -10.02 13.61 0.58
H21 EDO G . -10.07 16.73 2.27
H22 EDO G . -8.36 17.08 2.01
HO2 EDO G . -8.78 16.31 4.17
C1 EDO H . -11.23 -9.74 10.26
O1 EDO H . -11.63 -10.83 9.41
C2 EDO H . -11.76 -8.43 9.71
O2 EDO H . -11.41 -7.35 10.59
H11 EDO H . -10.14 -9.71 10.32
H12 EDO H . -11.62 -9.90 11.27
HO1 EDO H . -11.29 -11.65 9.76
H21 EDO H . -12.84 -8.48 9.61
H22 EDO H . -11.33 -8.24 8.73
HO2 EDO H . -11.76 -6.52 10.24
C1 EDO I . 5.95 16.60 -2.23
O1 EDO I . 5.42 16.21 -0.96
C2 EDO I . 6.79 17.86 -2.08
O2 EDO I . 7.24 18.30 -3.38
H11 EDO I . 5.12 16.78 -2.93
H12 EDO I . 6.56 15.79 -2.64
HO1 EDO I . 4.88 15.41 -1.06
H21 EDO I . 7.65 17.66 -1.45
H22 EDO I . 6.20 18.65 -1.62
HO2 EDO I . 7.78 19.10 -3.28
N NH4 J . 2.54 -16.90 5.46
HN1 NH4 J . 2.97 -16.52 6.26
HN2 NH4 J . 1.61 -17.13 5.68
HN3 NH4 J . 2.55 -16.25 4.74
HN4 NH4 J . 3.02 -17.71 5.19
C1 PDO K . -4.36 -5.31 -12.73
O1 PDO K . -5.70 -5.56 -12.44
C2 PDO K . -3.56 -6.60 -12.63
C3 PDO K . -2.14 -6.29 -12.14
O3 PDO K . -1.44 -5.60 -13.12
H11 PDO K . -4.01 -4.65 -12.11
H12 PDO K . -4.29 -4.96 -13.64
HO1 PDO K . -6.03 -4.91 -11.99
H21 PDO K . -3.51 -7.02 -13.50
H22 PDO K . -4.00 -7.20 -12.01
H31 PDO K . -1.69 -7.13 -11.93
H32 PDO K . -2.19 -5.75 -11.34
HO3 PDO K . -1.12 -6.16 -13.69
C1 EDO L . 15.61 -12.08 4.22
O1 EDO L . 14.60 -11.79 3.24
C2 EDO L . 15.15 -11.62 5.59
O2 EDO L . 14.11 -12.49 6.07
H11 EDO L . 16.54 -11.56 3.95
H12 EDO L . 15.81 -13.15 4.23
HO1 EDO L . 14.90 -12.08 2.37
H21 EDO L . 14.78 -10.60 5.53
H22 EDO L . 15.99 -11.64 6.29
HO2 EDO L . 13.82 -12.19 6.94
C1 PDO M . 7.87 -5.85 -11.59
O1 PDO M . 8.12 -5.41 -12.89
C2 PDO M . 6.69 -5.07 -11.01
C3 PDO M . 6.31 -5.65 -9.66
O3 PDO M . 7.36 -5.47 -8.74
H11 PDO M . 7.67 -6.80 -11.59
H12 PDO M . 8.65 -5.69 -11.04
HO1 PDO M . 8.71 -4.81 -12.89
H21 PDO M . 5.93 -5.13 -11.61
H22 PDO M . 6.94 -4.14 -10.91
H31 PDO M . 6.14 -6.60 -9.75
H32 PDO M . 5.51 -5.22 -9.32
HO3 PDO M . 7.37 -4.65 -8.50
MG MG N . -16.57 3.18 -0.17
MG MG O . -0.14 3.08 -13.53
MG MG P . 3.29 13.78 1.43
MG MG Q . 10.75 -11.93 1.34
MG MG R . 18.87 -11.56 3.34
CL CL S . -2.14 6.84 12.73
CL CL T . 2.24 10.64 13.75
CL CL U . 9.45 12.32 -9.20
CL CL V . 1.94 -4.45 13.70
CL CL W . -9.63 4.34 9.17
CL CL X . -9.42 -13.12 -4.55
C1 EDO Y . 19.62 -0.31 7.53
O1 EDO Y . 18.39 -0.48 8.24
C2 EDO Y . 19.73 1.12 7.02
O2 EDO Y . 19.73 2.03 8.13
H11 EDO Y . 19.66 -1.00 6.69
H12 EDO Y . 20.46 -0.54 8.19
HO1 EDO Y . 18.33 -1.39 8.57
H21 EDO Y . 18.89 1.34 6.36
H22 EDO Y . 20.66 1.24 6.45
HO2 EDO Y . 19.80 2.93 7.80
#